data_5YDV
#
_entry.id   5YDV
#
_cell.length_a   63.293
_cell.length_b   63.293
_cell.length_c   101.438
_cell.angle_alpha   90.00
_cell.angle_beta   90.00
_cell.angle_gamma   90.00
#
_symmetry.space_group_name_H-M   'P 41 21 2'
#
loop_
_entity.id
_entity.type
_entity.pdbx_description
1 polymer 'Cell density-dependent motility repressor'
2 non-polymer 'hypochlorous acid'
3 non-polymer 'SULFATE ION'
4 water water
#
_entity_poly.entity_id   1
_entity_poly.type   'polypeptide(L)'
_entity_poly.pdbx_seq_one_letter_code
;GAMDYTLRKIKIAAAHSLSLGLLPTIVKQMPTQFTYAVEAIDVDQAVDMLREGQSDFIFSYHDENLQQAPFDNIRLFESR
LFPVCANNGRGEPRYTLEQPHFPLLNYSQNSYMGRLINRTLTRHAELSFSTFFVSSMSELLKQVAMDGCGIAWLPEYAIR
QEITDGRLIVLDADELVIPIQAYAYRMNTRMSQVAETFWRDLRGLQAAL
;
_entity_poly.pdbx_strand_id   A
#
# COMPACT_ATOMS: atom_id res chain seq x y z
N GLY A 1 22.74 -3.34 2.22
CA GLY A 1 22.45 -3.21 3.63
C GLY A 1 23.44 -2.35 4.40
N ALA A 2 24.12 -2.97 5.37
CA ALA A 2 24.98 -2.21 6.28
C ALA A 2 26.27 -1.79 5.59
N MET A 3 27.04 -2.75 5.08
CA MET A 3 28.33 -2.44 4.50
C MET A 3 28.24 -1.72 3.16
N ASP A 4 27.12 -1.85 2.46
CA ASP A 4 26.96 -1.21 1.16
C ASP A 4 26.90 0.31 1.33
N TYR A 5 27.70 1.04 0.53
CA TYR A 5 27.76 2.49 0.68
C TYR A 5 28.17 3.17 -0.61
N THR A 6 27.42 4.23 -0.98
CA THR A 6 27.89 5.21 -1.95
C THR A 6 27.51 6.60 -1.45
N LEU A 7 28.07 7.63 -2.08
CA LEU A 7 27.75 8.99 -1.65
C LEU A 7 26.29 9.32 -1.85
N ARG A 8 25.65 8.70 -2.85
CA ARG A 8 24.31 9.14 -3.25
C ARG A 8 23.22 8.11 -3.02
N LYS A 9 23.54 6.91 -2.56
CA LYS A 9 22.54 5.84 -2.54
C LYS A 9 21.56 6.07 -1.39
N ILE A 10 20.29 5.99 -1.71
CA ILE A 10 19.21 6.03 -0.73
C ILE A 10 18.57 4.65 -0.69
N LYS A 11 18.59 4.02 0.49
CA LYS A 11 18.07 2.67 0.66
C LYS A 11 16.66 2.74 1.23
N ILE A 12 15.69 2.23 0.47
CA ILE A 12 14.28 2.31 0.83
C ILE A 12 13.71 0.90 0.87
N ALA A 13 12.97 0.58 1.94
CA ALA A 13 12.16 -0.63 1.99
C ALA A 13 10.70 -0.20 2.00
N ALA A 14 9.92 -0.74 1.07
CA ALA A 14 8.55 -0.30 0.88
C ALA A 14 7.59 -1.49 1.00
N ALA A 15 6.46 -1.26 1.64
CA ALA A 15 5.42 -2.29 1.68
C ALA A 15 4.96 -2.59 0.26
N HIS A 16 4.61 -3.86 0.04
CA HIS A 16 4.31 -4.34 -1.32
C HIS A 16 3.28 -3.46 -2.03
N SER A 17 2.26 -3.00 -1.32
CA SER A 17 1.09 -2.40 -1.96
C SER A 17 1.31 -0.96 -2.42
N LEU A 18 2.24 -0.22 -1.82
CA LEU A 18 2.48 1.14 -2.26
C LEU A 18 3.77 1.29 -3.03
N SER A 19 4.49 0.20 -3.30
N SER A 19 4.50 0.20 -3.28
CA SER A 19 5.76 0.30 -4.00
CA SER A 19 5.76 0.30 -4.01
C SER A 19 5.57 0.79 -5.43
C SER A 19 5.54 0.82 -5.42
N LEU A 20 4.55 0.27 -6.13
CA LEU A 20 4.33 0.64 -7.52
C LEU A 20 3.75 2.05 -7.64
N GLY A 21 2.76 2.39 -6.80
CA GLY A 21 2.15 3.70 -6.92
C GLY A 21 3.05 4.83 -6.45
N LEU A 22 3.78 4.60 -5.36
CA LEU A 22 4.51 5.68 -4.71
C LEU A 22 5.88 5.92 -5.36
N LEU A 23 6.67 4.87 -5.56
CA LEU A 23 8.08 5.07 -5.91
C LEU A 23 8.29 5.85 -7.20
N PRO A 24 7.59 5.57 -8.31
CA PRO A 24 7.85 6.35 -9.53
C PRO A 24 7.59 7.83 -9.37
N THR A 25 6.59 8.21 -8.57
CA THR A 25 6.31 9.64 -8.37
C THR A 25 7.45 10.31 -7.61
N ILE A 26 8.02 9.61 -6.63
CA ILE A 26 9.11 10.19 -5.84
C ILE A 26 10.34 10.37 -6.72
N VAL A 27 10.71 9.34 -7.48
CA VAL A 27 11.86 9.44 -8.37
C VAL A 27 11.70 10.62 -9.33
N LYS A 28 10.49 10.77 -9.90
CA LYS A 28 10.27 11.80 -10.91
C LYS A 28 10.36 13.20 -10.33
N GLN A 29 9.84 13.40 -9.12
CA GLN A 29 9.78 14.72 -8.52
C GLN A 29 11.05 15.08 -7.75
N MET A 30 11.87 14.10 -7.40
CA MET A 30 13.04 14.36 -6.58
C MET A 30 14.13 15.04 -7.40
N PRO A 31 14.92 15.91 -6.76
CA PRO A 31 16.11 16.44 -7.43
C PRO A 31 17.00 15.30 -7.91
N THR A 32 17.77 15.57 -8.96
CA THR A 32 18.61 14.56 -9.59
C THR A 32 19.90 14.32 -8.80
N GLN A 33 19.79 14.15 -7.48
CA GLN A 33 20.94 14.06 -6.60
C GLN A 33 21.10 12.69 -5.94
N PHE A 34 20.27 11.72 -6.28
CA PHE A 34 20.21 10.45 -5.56
C PHE A 34 20.26 9.26 -6.50
N THR A 35 20.68 8.14 -5.94
CA THR A 35 20.42 6.83 -6.55
C THR A 35 19.61 6.01 -5.56
N TYR A 36 18.92 5.00 -6.08
CA TYR A 36 17.89 4.32 -5.30
C TYR A 36 18.14 2.83 -5.25
N ALA A 37 17.96 2.26 -4.05
CA ALA A 37 17.87 0.82 -3.89
C ALA A 37 16.58 0.54 -3.14
N VAL A 38 15.66 -0.18 -3.77
CA VAL A 38 14.32 -0.37 -3.24
C VAL A 38 14.07 -1.86 -3.07
N GLU A 39 13.63 -2.26 -1.88
CA GLU A 39 13.19 -3.63 -1.71
C GLU A 39 11.78 -3.66 -1.13
N ALA A 40 10.97 -4.60 -1.61
CA ALA A 40 9.63 -4.81 -1.07
C ALA A 40 9.72 -5.64 0.20
N ILE A 41 8.90 -5.29 1.20
CA ILE A 41 8.89 -5.99 2.47
C ILE A 41 7.45 -6.19 2.94
N ASP A 42 7.29 -7.11 3.89
CA ASP A 42 6.07 -7.16 4.69
C ASP A 42 6.20 -6.19 5.86
N VAL A 43 5.06 -5.72 6.36
CA VAL A 43 5.09 -4.60 7.31
C VAL A 43 5.84 -4.99 8.57
N ASP A 44 5.85 -6.28 8.91
CA ASP A 44 6.48 -6.73 10.15
C ASP A 44 8.01 -6.77 10.06
N GLN A 45 8.58 -6.73 8.85
CA GLN A 45 10.03 -6.61 8.71
C GLN A 45 10.54 -5.19 8.98
N ALA A 46 9.65 -4.20 9.10
CA ALA A 46 10.08 -2.80 9.03
C ALA A 46 10.90 -2.38 10.25
N VAL A 47 10.44 -2.74 11.45
CA VAL A 47 11.14 -2.34 12.67
C VAL A 47 12.60 -2.77 12.62
N ASP A 48 12.85 -4.04 12.32
CA ASP A 48 14.21 -4.56 12.40
C ASP A 48 15.12 -3.94 11.35
N MET A 49 14.59 -3.72 10.14
CA MET A 49 15.43 -3.15 9.07
C MET A 49 15.85 -1.72 9.36
N LEU A 50 14.99 -0.95 10.06
CA LEU A 50 15.34 0.41 10.42
C LEU A 50 16.34 0.45 11.56
N ARG A 51 16.07 -0.35 12.61
CA ARG A 51 16.96 -0.36 13.78
C ARG A 51 18.36 -0.86 13.41
N GLU A 52 18.44 -1.83 12.50
CA GLU A 52 19.71 -2.43 12.14
C GLU A 52 20.40 -1.73 10.96
N GLY A 53 19.80 -0.70 10.39
CA GLY A 53 20.44 0.05 9.33
C GLY A 53 20.41 -0.58 7.96
N GLN A 54 19.62 -1.63 7.74
CA GLN A 54 19.51 -2.19 6.40
C GLN A 54 18.72 -1.28 5.47
N SER A 55 17.87 -0.42 6.03
CA SER A 55 17.13 0.58 5.27
C SER A 55 17.35 1.95 5.87
N ASP A 56 17.51 2.95 5.02
CA ASP A 56 17.48 4.33 5.50
C ASP A 56 16.06 4.75 5.84
N PHE A 57 15.11 4.42 4.97
CA PHE A 57 13.73 4.84 5.10
C PHE A 57 12.81 3.66 4.85
N ILE A 58 11.62 3.71 5.47
CA ILE A 58 10.55 2.75 5.24
C ILE A 58 9.37 3.51 4.68
N PHE A 59 8.81 3.02 3.58
CA PHE A 59 7.52 3.47 3.10
C PHE A 59 6.50 2.39 3.48
N SER A 60 5.57 2.75 4.36
CA SER A 60 4.65 1.78 4.97
C SER A 60 3.37 2.52 5.33
N TYR A 61 2.55 1.91 6.18
CA TYR A 61 1.27 2.46 6.59
C TYR A 61 1.34 2.83 8.05
N HIS A 62 0.18 3.12 8.63
CA HIS A 62 0.10 3.29 10.07
C HIS A 62 0.68 2.05 10.74
N ASP A 63 1.60 2.26 11.67
CA ASP A 63 2.27 1.15 12.35
C ASP A 63 2.58 1.63 13.76
N GLU A 64 1.78 1.17 14.72
CA GLU A 64 1.98 1.62 16.09
C GLU A 64 3.38 1.31 16.60
N ASN A 65 3.99 0.23 16.10
CA ASN A 65 5.36 -0.08 16.50
C ASN A 65 6.34 0.97 15.99
N LEU A 66 6.05 1.60 14.85
CA LEU A 66 6.93 2.60 14.25
C LEU A 66 6.50 4.03 14.55
N GLN A 67 5.33 4.22 15.14
CA GLN A 67 4.80 5.54 15.45
C GLN A 67 5.13 5.94 16.88
N GLN A 68 6.39 5.79 17.27
CA GLN A 68 6.87 6.21 18.57
C GLN A 68 8.36 6.45 18.47
N ALA A 69 8.89 7.24 19.38
CA ALA A 69 10.33 7.43 19.45
C ALA A 69 10.99 6.06 19.66
N PRO A 70 12.19 5.85 19.11
CA PRO A 70 13.05 6.79 18.41
C PRO A 70 12.82 6.87 16.91
N PHE A 71 11.59 6.69 16.46
CA PHE A 71 11.27 6.80 15.05
C PHE A 71 10.64 8.16 14.76
N ASP A 72 10.83 8.62 13.53
CA ASP A 72 10.20 9.83 13.03
C ASP A 72 9.43 9.48 11.77
N ASN A 73 8.47 10.33 11.40
CA ASN A 73 7.64 10.00 10.25
C ASN A 73 7.11 11.25 9.57
N ILE A 74 6.66 11.07 8.33
CA ILE A 74 5.86 12.04 7.62
C ILE A 74 4.73 11.27 6.95
N ARG A 75 3.51 11.78 7.06
CA ARG A 75 2.42 11.13 6.37
C ARG A 75 2.45 11.56 4.92
N LEU A 76 2.48 10.59 4.02
CA LEU A 76 2.63 10.89 2.61
C LEU A 76 1.29 11.16 1.93
N PHE A 77 0.31 10.29 2.16
CA PHE A 77 -1.02 10.49 1.64
C PHE A 77 -1.98 9.58 2.39
N GLU A 78 -3.27 9.85 2.26
CA GLU A 78 -4.26 8.91 2.74
C GLU A 78 -5.06 8.42 1.54
N SER A 79 -5.66 7.23 1.69
CA SER A 79 -6.47 6.67 0.62
C SER A 79 -7.60 5.87 1.26
N ARG A 80 -8.33 5.16 0.41
CA ARG A 80 -9.53 4.43 0.80
C ARG A 80 -9.53 3.13 0.01
N LEU A 81 -9.77 2.00 0.68
CA LEU A 81 -10.00 0.72 0.00
C LEU A 81 -11.48 0.55 -0.25
N PHE A 82 -11.84 0.22 -1.51
CA PHE A 82 -13.21 -0.08 -1.95
C PHE A 82 -13.31 -1.53 -2.37
N PRO A 83 -14.38 -2.24 -2.01
CA PRO A 83 -14.62 -3.55 -2.63
C PRO A 83 -15.06 -3.34 -4.06
N VAL A 84 -14.41 -4.03 -4.99
CA VAL A 84 -14.69 -3.87 -6.41
C VAL A 84 -14.77 -5.24 -7.06
N CYS A 85 -15.40 -5.28 -8.24
CA CYS A 85 -15.36 -6.48 -9.04
C CYS A 85 -15.48 -6.07 -10.49
N ALA A 86 -15.32 -7.06 -11.39
CA ALA A 86 -15.48 -6.82 -12.81
C ALA A 86 -16.95 -6.52 -13.13
N ASN A 87 -17.17 -5.92 -14.30
CA ASN A 87 -18.54 -5.63 -14.72
C ASN A 87 -19.21 -6.88 -15.30
N ASN A 88 -20.52 -6.80 -15.51
CA ASN A 88 -21.30 -7.92 -16.02
C ASN A 88 -21.67 -7.76 -17.49
N GLY A 89 -21.01 -6.86 -18.22
CA GLY A 89 -21.34 -6.59 -19.60
C GLY A 89 -22.44 -5.57 -19.81
N ARG A 90 -23.17 -5.22 -18.74
CA ARG A 90 -24.26 -4.25 -18.83
C ARG A 90 -24.03 -3.07 -17.88
N GLY A 91 -22.79 -2.84 -17.47
CA GLY A 91 -22.48 -1.75 -16.57
C GLY A 91 -22.89 -2.00 -15.14
N GLU A 92 -23.03 -3.26 -14.75
CA GLU A 92 -23.40 -3.65 -13.40
C GLU A 92 -22.36 -4.61 -12.85
N PRO A 93 -22.26 -4.75 -11.52
CA PRO A 93 -21.29 -5.69 -10.95
C PRO A 93 -21.61 -7.12 -11.34
N ARG A 94 -20.54 -7.91 -11.53
CA ARG A 94 -20.70 -9.31 -11.85
C ARG A 94 -21.05 -10.10 -10.59
N TYR A 95 -20.61 -9.61 -9.44
CA TYR A 95 -20.84 -10.25 -8.15
C TYR A 95 -21.58 -9.31 -7.21
N THR A 96 -22.24 -9.88 -6.21
CA THR A 96 -22.84 -9.10 -5.13
C THR A 96 -22.23 -9.52 -3.79
N LEU A 97 -22.06 -8.54 -2.91
CA LEU A 97 -21.59 -8.81 -1.55
C LEU A 97 -22.55 -9.71 -0.79
N GLU A 98 -23.82 -9.77 -1.20
CA GLU A 98 -24.83 -10.54 -0.49
C GLU A 98 -24.94 -11.98 -0.97
N GLN A 99 -24.21 -12.36 -2.01
CA GLN A 99 -24.20 -13.75 -2.44
C GLN A 99 -23.58 -14.63 -1.34
N PRO A 100 -24.24 -15.72 -0.95
CA PRO A 100 -23.61 -16.65 0.01
C PRO A 100 -22.27 -17.15 -0.51
N HIS A 101 -21.24 -16.98 0.32
CA HIS A 101 -19.87 -17.40 0.03
C HIS A 101 -19.40 -16.88 -1.33
N PHE A 102 -19.41 -15.55 -1.46
CA PHE A 102 -18.88 -14.93 -2.66
C PHE A 102 -17.37 -15.13 -2.74
N PRO A 103 -16.80 -15.18 -3.95
CA PRO A 103 -15.36 -15.46 -4.08
C PRO A 103 -14.54 -14.23 -3.74
N LEU A 104 -13.71 -14.33 -2.72
CA LEU A 104 -12.91 -13.21 -2.26
C LEU A 104 -11.49 -13.33 -2.79
N LEU A 105 -10.97 -12.21 -3.29
CA LEU A 105 -9.56 -12.07 -3.65
C LEU A 105 -8.92 -11.17 -2.60
N ASN A 106 -8.00 -11.72 -1.81
CA ASN A 106 -7.54 -11.00 -0.63
C ASN A 106 -6.01 -10.94 -0.55
N TYR A 107 -5.52 -9.98 0.25
CA TYR A 107 -4.12 -9.93 0.61
C TYR A 107 -3.81 -11.03 1.63
N SER A 108 -2.53 -11.29 1.84
CA SER A 108 -2.16 -12.30 2.81
C SER A 108 -2.41 -11.79 4.23
N GLN A 109 -2.47 -12.72 5.19
CA GLN A 109 -2.66 -12.33 6.58
C GLN A 109 -1.50 -11.48 7.09
N ASN A 110 -0.31 -11.68 6.53
CA ASN A 110 0.91 -10.95 6.88
C ASN A 110 0.89 -9.50 6.41
N SER A 111 -0.16 -9.06 5.73
CA SER A 111 -0.21 -7.74 5.12
C SER A 111 -1.05 -6.79 5.96
N TYR A 112 -0.70 -5.52 5.89
CA TYR A 112 -1.50 -4.49 6.54
C TYR A 112 -2.91 -4.44 5.96
N MET A 113 -3.02 -4.44 4.63
CA MET A 113 -4.33 -4.44 3.98
C MET A 113 -5.14 -5.67 4.36
N GLY A 114 -4.53 -6.86 4.30
CA GLY A 114 -5.27 -8.07 4.67
C GLY A 114 -5.86 -8.00 6.06
N ARG A 115 -5.11 -7.45 7.01
CA ARG A 115 -5.58 -7.35 8.38
C ARG A 115 -6.81 -6.44 8.50
N LEU A 116 -6.79 -5.29 7.82
CA LEU A 116 -7.94 -4.40 7.91
C LEU A 116 -9.16 -4.99 7.22
N ILE A 117 -8.95 -5.68 6.09
CA ILE A 117 -10.07 -6.22 5.32
C ILE A 117 -10.80 -7.30 6.12
N ASN A 118 -10.05 -8.20 6.74
CA ASN A 118 -10.68 -9.28 7.52
C ASN A 118 -11.34 -8.73 8.77
N ARG A 119 -10.73 -7.72 9.39
CA ARG A 119 -11.37 -7.00 10.49
C ARG A 119 -12.74 -6.50 10.06
N THR A 120 -12.80 -5.89 8.87
CA THR A 120 -14.06 -5.38 8.33
C THR A 120 -15.07 -6.49 8.10
N LEU A 121 -14.67 -7.55 7.38
CA LEU A 121 -15.61 -8.63 7.07
C LEU A 121 -16.17 -9.27 8.33
N THR A 122 -15.33 -9.46 9.34
CA THR A 122 -15.78 -10.00 10.62
C THR A 122 -16.90 -9.16 11.21
N ARG A 123 -16.68 -7.84 11.29
CA ARG A 123 -17.70 -6.93 11.80
C ARG A 123 -19.01 -7.04 11.03
N HIS A 124 -18.96 -7.52 9.79
CA HIS A 124 -20.12 -7.53 8.91
C HIS A 124 -20.58 -8.96 8.68
N ALA A 125 -21.43 -9.45 9.59
CA ALA A 125 -21.89 -10.83 9.56
C ALA A 125 -22.88 -11.12 8.44
N GLU A 126 -23.45 -10.10 7.81
CA GLU A 126 -24.36 -10.34 6.69
C GLU A 126 -23.60 -10.71 5.41
N LEU A 127 -22.28 -10.83 5.48
CA LEU A 127 -21.47 -11.24 4.35
C LEU A 127 -20.79 -12.56 4.65
N SER A 128 -20.81 -13.45 3.68
CA SER A 128 -20.08 -14.72 3.76
C SER A 128 -19.27 -14.85 2.49
N PHE A 129 -18.03 -15.34 2.63
CA PHE A 129 -17.13 -15.39 1.49
C PHE A 129 -16.34 -16.68 1.53
N SER A 130 -15.87 -17.09 0.35
CA SER A 130 -14.85 -18.13 0.23
C SER A 130 -13.63 -17.49 -0.42
N THR A 131 -12.46 -17.73 0.14
CA THR A 131 -11.25 -17.08 -0.39
C THR A 131 -10.72 -17.86 -1.59
N PHE A 132 -10.82 -17.24 -2.77
CA PHE A 132 -10.41 -17.88 -4.02
C PHE A 132 -8.91 -17.71 -4.28
N PHE A 133 -8.35 -16.55 -3.94
CA PHE A 133 -7.02 -16.17 -4.40
C PHE A 133 -6.42 -15.26 -3.34
N VAL A 134 -5.24 -15.60 -2.82
CA VAL A 134 -4.52 -14.78 -1.84
C VAL A 134 -3.15 -14.45 -2.38
N SER A 135 -2.77 -13.18 -2.28
CA SER A 135 -1.48 -12.72 -2.76
C SER A 135 -1.18 -11.39 -2.10
N SER A 136 0.11 -11.16 -1.82
CA SER A 136 0.55 -9.87 -1.30
C SER A 136 0.56 -8.77 -2.36
N MET A 137 0.58 -9.13 -3.65
CA MET A 137 0.80 -8.17 -4.73
C MET A 137 -0.51 -7.51 -5.13
N SER A 138 -0.62 -6.21 -4.83
CA SER A 138 -1.78 -5.41 -5.19
C SER A 138 -2.11 -5.52 -6.68
N GLU A 139 -1.08 -5.51 -7.53
CA GLU A 139 -1.31 -5.48 -8.97
C GLU A 139 -1.80 -6.82 -9.49
N LEU A 140 -1.37 -7.91 -8.85
CA LEU A 140 -1.90 -9.23 -9.18
C LEU A 140 -3.37 -9.35 -8.78
N LEU A 141 -3.70 -8.91 -7.55
CA LEU A 141 -5.10 -8.92 -7.13
C LEU A 141 -5.96 -8.10 -8.08
N LYS A 142 -5.47 -6.93 -8.49
CA LYS A 142 -6.23 -6.08 -9.40
C LYS A 142 -6.49 -6.79 -10.72
N GLN A 143 -5.48 -7.46 -11.27
CA GLN A 143 -5.68 -8.14 -12.56
C GLN A 143 -6.64 -9.32 -12.44
N VAL A 144 -6.54 -10.08 -11.36
CA VAL A 144 -7.46 -11.20 -11.15
C VAL A 144 -8.89 -10.68 -10.98
N ALA A 145 -9.05 -9.55 -10.31
CA ALA A 145 -10.38 -8.94 -10.19
C ALA A 145 -10.87 -8.47 -11.56
N MET A 146 -9.98 -7.86 -12.34
CA MET A 146 -10.40 -7.39 -13.65
C MET A 146 -10.81 -8.55 -14.55
N ASP A 147 -10.16 -9.70 -14.38
CA ASP A 147 -10.50 -10.88 -15.16
C ASP A 147 -11.82 -11.54 -14.72
N GLY A 148 -12.48 -11.01 -13.69
CA GLY A 148 -13.81 -11.46 -13.33
C GLY A 148 -13.87 -12.57 -12.29
N CYS A 149 -12.79 -12.78 -11.53
CA CYS A 149 -12.68 -13.94 -10.65
C CYS A 149 -13.22 -13.72 -9.24
N GLY A 150 -13.64 -12.51 -8.90
CA GLY A 150 -14.17 -12.32 -7.57
C GLY A 150 -14.13 -10.86 -7.16
N ILE A 151 -14.38 -10.65 -5.87
CA ILE A 151 -14.45 -9.33 -5.26
C ILE A 151 -13.15 -9.08 -4.50
N ALA A 152 -12.59 -7.88 -4.62
CA ALA A 152 -11.33 -7.51 -3.97
C ALA A 152 -11.46 -6.10 -3.40
N TRP A 153 -10.84 -5.87 -2.23
CA TRP A 153 -10.71 -4.52 -1.69
C TRP A 153 -9.41 -3.93 -2.22
N LEU A 154 -9.50 -2.85 -2.99
CA LEU A 154 -8.32 -2.24 -3.58
C LEU A 154 -8.28 -0.74 -3.31
N PRO A 155 -7.08 -0.16 -3.23
CA PRO A 155 -6.97 1.28 -2.93
C PRO A 155 -7.35 2.12 -4.13
N GLU A 156 -7.92 3.29 -3.83
CA GLU A 156 -8.45 4.17 -4.86
C GLU A 156 -7.41 4.49 -5.94
N TYR A 157 -6.15 4.74 -5.54
CA TYR A 157 -5.16 5.20 -6.52
C TYR A 157 -4.84 4.12 -7.55
N ALA A 158 -5.01 2.86 -7.18
CA ALA A 158 -4.67 1.77 -8.09
C ALA A 158 -5.78 1.45 -9.09
N ILE A 159 -7.02 1.80 -8.78
CA ILE A 159 -8.17 1.43 -9.59
C ILE A 159 -8.85 2.65 -10.20
N ARG A 160 -8.24 3.82 -10.07
CA ARG A 160 -8.93 5.05 -10.46
C ARG A 160 -9.38 5.01 -11.92
N GLN A 161 -8.49 4.61 -12.83
CA GLN A 161 -8.86 4.62 -14.24
C GLN A 161 -9.84 3.51 -14.57
N GLU A 162 -9.72 2.35 -13.92
CA GLU A 162 -10.64 1.26 -14.19
C GLU A 162 -12.05 1.57 -13.70
N ILE A 163 -12.16 2.34 -12.61
CA ILE A 163 -13.48 2.78 -12.16
C ILE A 163 -14.08 3.75 -13.17
N THR A 164 -13.25 4.64 -13.73
CA THR A 164 -13.77 5.65 -14.65
C THR A 164 -14.28 5.03 -15.94
N ASP A 165 -13.54 4.09 -16.53
CA ASP A 165 -14.01 3.44 -17.74
C ASP A 165 -14.83 2.18 -17.46
N GLY A 166 -15.06 1.84 -16.19
CA GLY A 166 -16.01 0.81 -15.85
C GLY A 166 -15.55 -0.62 -16.01
N ARG A 167 -14.24 -0.86 -16.10
CA ARG A 167 -13.74 -2.23 -16.06
C ARG A 167 -13.78 -2.79 -14.65
N LEU A 168 -13.80 -1.94 -13.64
CA LEU A 168 -14.12 -2.34 -12.28
C LEU A 168 -15.28 -1.49 -11.77
N ILE A 169 -16.11 -2.07 -10.91
CA ILE A 169 -17.28 -1.38 -10.38
C ILE A 169 -17.23 -1.42 -8.86
N VAL A 170 -17.46 -0.27 -8.22
CA VAL A 170 -17.45 -0.19 -6.76
C VAL A 170 -18.76 -0.76 -6.24
N LEU A 171 -18.66 -1.64 -5.24
CA LEU A 171 -19.81 -2.35 -4.70
C LEU A 171 -20.35 -1.73 -3.41
N ASP A 172 -19.59 -0.86 -2.76
CA ASP A 172 -20.02 -0.21 -1.54
C ASP A 172 -19.16 1.03 -1.33
N ALA A 173 -19.80 2.11 -0.87
CA ALA A 173 -19.07 3.35 -0.63
C ALA A 173 -19.42 3.96 0.73
N ASP A 174 -19.79 3.10 1.69
CA ASP A 174 -20.12 3.55 3.04
C ASP A 174 -19.35 2.76 4.10
N GLU A 175 -20.00 1.80 4.74
CA GLU A 175 -19.37 1.16 5.90
C GLU A 175 -18.34 0.10 5.51
N LEU A 176 -18.25 -0.28 4.25
CA LEU A 176 -17.22 -1.22 3.83
C LEU A 176 -15.97 -0.54 3.27
N VAL A 177 -15.95 0.79 3.20
CA VAL A 177 -14.77 1.51 2.74
C VAL A 177 -13.78 1.60 3.88
N ILE A 178 -12.52 1.27 3.61
CA ILE A 178 -11.51 1.12 4.65
C ILE A 178 -10.49 2.25 4.52
N PRO A 179 -10.30 3.09 5.55
CA PRO A 179 -9.28 4.14 5.45
C PRO A 179 -7.88 3.59 5.63
N ILE A 180 -6.95 4.13 4.84
CA ILE A 180 -5.54 3.76 4.96
C ILE A 180 -4.69 5.02 4.86
N GLN A 181 -3.51 4.98 5.50
CA GLN A 181 -2.64 6.14 5.54
C GLN A 181 -1.21 5.68 5.32
N ALA A 182 -0.51 6.34 4.41
CA ALA A 182 0.83 5.95 4.02
C ALA A 182 1.84 6.89 4.68
N TYR A 183 2.93 6.31 5.20
CA TYR A 183 3.93 7.07 5.92
C TYR A 183 5.31 6.76 5.38
N ALA A 184 6.22 7.71 5.56
CA ALA A 184 7.65 7.43 5.50
C ALA A 184 8.18 7.46 6.93
N TYR A 185 8.98 6.46 7.28
CA TYR A 185 9.52 6.31 8.61
C TYR A 185 11.04 6.35 8.55
N ARG A 186 11.65 6.84 9.62
CA ARG A 186 13.10 6.89 9.77
C ARG A 186 13.44 6.77 11.24
N MET A 187 14.73 6.57 11.52
CA MET A 187 15.22 6.70 12.87
C MET A 187 15.41 8.17 13.21
N ASN A 188 15.25 8.49 14.50
CA ASN A 188 15.47 9.85 14.97
C ASN A 188 16.93 10.27 14.79
N THR A 189 17.85 9.30 14.89
CA THR A 189 19.28 9.56 14.72
C THR A 189 19.53 10.47 13.53
N ARG A 190 20.46 11.41 13.69
CA ARG A 190 20.84 12.22 12.55
C ARG A 190 21.60 11.34 11.56
N MET A 191 21.27 11.47 10.29
CA MET A 191 21.83 10.64 9.25
C MET A 191 22.82 11.45 8.41
N SER A 192 23.37 10.80 7.38
CA SER A 192 24.29 11.47 6.49
C SER A 192 23.64 12.69 5.85
N GLN A 193 24.47 13.60 5.34
CA GLN A 193 23.96 14.79 4.69
C GLN A 193 23.03 14.45 3.53
N VAL A 194 23.37 13.41 2.76
CA VAL A 194 22.55 13.06 1.59
C VAL A 194 21.20 12.51 2.03
N ALA A 195 21.18 11.65 3.05
CA ALA A 195 19.90 11.14 3.53
C ALA A 195 19.07 12.25 4.15
N GLU A 196 19.72 13.21 4.85
CA GLU A 196 18.97 14.33 5.40
C GLU A 196 18.42 15.22 4.29
N THR A 197 19.18 15.37 3.19
CA THR A 197 18.66 16.11 2.05
C THR A 197 17.47 15.39 1.45
N PHE A 198 17.55 14.06 1.32
CA PHE A 198 16.42 13.29 0.80
C PHE A 198 15.18 13.50 1.67
N TRP A 199 15.34 13.38 2.99
CA TRP A 199 14.23 13.55 3.91
C TRP A 199 13.59 14.93 3.78
N ARG A 200 14.42 15.97 3.68
CA ARG A 200 13.93 17.35 3.55
C ARG A 200 13.16 17.54 2.24
N ASP A 201 13.70 17.01 1.13
CA ASP A 201 13.02 17.11 -0.15
C ASP A 201 11.72 16.32 -0.15
N LEU A 202 11.72 15.14 0.49
CA LEU A 202 10.50 14.34 0.57
C LEU A 202 9.38 15.11 1.26
N ARG A 203 9.70 15.81 2.34
CA ARG A 203 8.71 16.67 2.98
C ARG A 203 8.15 17.69 2.00
N GLY A 204 8.99 18.23 1.13
CA GLY A 204 8.59 19.29 0.23
C GLY A 204 7.72 18.86 -0.93
N LEU A 205 7.82 17.60 -1.36
CA LEU A 205 6.95 17.15 -2.43
C LEU A 205 5.74 16.37 -1.94
N GLN A 206 5.56 16.25 -0.62
CA GLN A 206 4.43 15.48 -0.10
C GLN A 206 3.09 16.05 -0.57
N ALA A 207 3.02 17.37 -0.74
CA ALA A 207 1.79 17.99 -1.22
C ALA A 207 1.43 17.46 -2.61
N ALA A 208 2.42 17.28 -3.47
CA ALA A 208 2.17 16.91 -4.86
C ALA A 208 1.95 15.40 -5.06
N LEU A 209 2.07 14.59 -4.02
CA LEU A 209 1.85 13.16 -4.16
C LEU A 209 0.37 12.84 -4.35
#